data_4GTN
#
_entry.id   4GTN
#
_cell.length_a   59.580
_cell.length_b   70.100
_cell.length_c   171.410
_cell.angle_alpha   90.00
_cell.angle_beta   90.00
_cell.angle_gamma   90.00
#
_symmetry.space_group_name_H-M   'C 2 2 21'
#
loop_
_entity.id
_entity.type
_entity.pdbx_description
1 polymer 'Anthranilate phosphoribosyltransferase'
2 water water
#
_entity_poly.entity_id   1
_entity_poly.type   'polypeptide(L)'
_entity_poly.pdbx_seq_one_letter_code
;PALRANIQQALNHITKNIHLTQAQMEDVMRSIMQGNATEAQIGALMMGLRMKGESIDEITAAARVMRELAIKIDVSDIQY
LVDIVGTGGDGQNLFNVSTASSFVIAAAGATIAKHGNRGVSSKSGSSDLLEQAGINLDLDMQQTERCIREMGVGFLFAPN
HHKAMKYAVGPRRELGIRSIFNLLGPLTNPAGVKRFVIGVFSDELCRPIAEVMKQLGAEHVMVVHSKDGLDEISLASQTY
IAELKNGEVTEWVLNPEDVNIPSQTLSGLIVEDSNASLKLIKDALGRKKSDIGEKAANMIALNAGAGIYVSGLATSYKQG
VALAHDIIYGGQALEKMSILSEFTKALKEYANN
;
_entity_poly.pdbx_strand_id   A
#
# COMPACT_ATOMS: atom_id res chain seq x y z
N PRO A 1 -18.41 -20.32 -22.98
CA PRO A 1 -19.55 -21.12 -22.50
C PRO A 1 -20.65 -20.22 -21.91
N ALA A 2 -21.13 -20.55 -20.71
CA ALA A 2 -21.95 -19.64 -19.92
C ALA A 2 -21.06 -18.62 -19.22
N LEU A 3 -19.74 -18.82 -19.33
CA LEU A 3 -18.75 -17.94 -18.71
C LEU A 3 -18.37 -16.79 -19.65
N ARG A 4 -18.65 -17.00 -20.93
CA ARG A 4 -18.54 -15.96 -21.96
C ARG A 4 -19.86 -15.18 -21.96
N ALA A 5 -20.94 -15.90 -21.72
CA ALA A 5 -22.25 -15.31 -21.62
C ALA A 5 -22.30 -14.28 -20.49
N ASN A 6 -21.79 -14.62 -19.31
N ASN A 6 -21.77 -14.63 -19.33
CA ASN A 6 -21.86 -13.69 -18.19
CA ASN A 6 -21.81 -13.75 -18.17
C ASN A 6 -21.01 -12.46 -18.43
C ASN A 6 -20.98 -12.49 -18.40
N ILE A 7 -19.94 -12.60 -19.21
CA ILE A 7 -19.12 -11.46 -19.59
C ILE A 7 -19.91 -10.50 -20.46
N GLN A 8 -20.64 -11.02 -21.42
CA GLN A 8 -21.38 -10.14 -22.34
C GLN A 8 -22.57 -9.55 -21.59
N GLN A 9 -23.14 -10.32 -20.67
CA GLN A 9 -24.21 -9.81 -19.84
C GLN A 9 -23.70 -8.64 -19.01
N ALA A 10 -22.55 -8.84 -18.38
CA ALA A 10 -21.93 -7.79 -17.58
C ALA A 10 -21.68 -6.54 -18.42
N LEU A 11 -21.15 -6.70 -19.64
CA LEU A 11 -20.81 -5.53 -20.43
C LEU A 11 -22.07 -4.78 -20.79
N ASN A 12 -23.12 -5.52 -21.10
CA ASN A 12 -24.39 -4.89 -21.39
C ASN A 12 -24.90 -4.09 -20.20
N HIS A 13 -24.84 -4.67 -19.00
CA HIS A 13 -25.28 -3.94 -17.81
C HIS A 13 -24.45 -2.68 -17.62
N ILE A 14 -23.16 -2.82 -17.82
CA ILE A 14 -22.29 -1.68 -17.66
C ILE A 14 -22.66 -0.57 -18.64
N THR A 15 -22.97 -0.90 -19.90
CA THR A 15 -23.39 0.14 -20.86
C THR A 15 -24.69 0.83 -20.48
N LYS A 16 -25.54 0.15 -19.72
CA LYS A 16 -26.76 0.78 -19.23
C LYS A 16 -26.51 1.40 -17.87
N ASN A 17 -25.25 1.46 -17.45
CA ASN A 17 -24.88 2.02 -16.15
C ASN A 17 -25.45 1.23 -14.95
N ILE A 18 -25.62 -0.06 -15.12
CA ILE A 18 -26.04 -0.92 -14.01
C ILE A 18 -24.83 -1.62 -13.42
N HIS A 19 -24.61 -1.39 -12.12
CA HIS A 19 -23.52 -2.01 -11.39
C HIS A 19 -23.59 -3.53 -11.37
N LEU A 20 -22.47 -4.21 -11.53
CA LEU A 20 -22.44 -5.65 -11.34
C LEU A 20 -22.76 -5.94 -9.87
N THR A 21 -23.45 -7.04 -9.60
CA THR A 21 -23.58 -7.49 -8.22
C THR A 21 -22.25 -8.15 -7.80
N GLN A 22 -22.06 -8.34 -6.50
CA GLN A 22 -20.82 -8.96 -6.06
C GLN A 22 -20.71 -10.34 -6.68
N ALA A 23 -21.84 -11.06 -6.74
CA ALA A 23 -21.88 -12.36 -7.36
C ALA A 23 -21.41 -12.28 -8.81
N GLN A 24 -21.91 -11.30 -9.52
CA GLN A 24 -21.58 -11.19 -10.94
C GLN A 24 -20.12 -10.79 -11.12
N MET A 25 -19.62 -9.95 -10.21
CA MET A 25 -18.25 -9.47 -10.37
C MET A 25 -17.22 -10.54 -10.04
N GLU A 26 -17.53 -11.39 -9.06
CA GLU A 26 -16.63 -12.50 -8.78
C GLU A 26 -16.51 -13.36 -10.01
N ASP A 27 -17.66 -13.70 -10.60
N ASP A 27 -17.64 -13.71 -10.61
CA ASP A 27 -17.67 -14.57 -11.75
CA ASP A 27 -17.59 -14.59 -11.77
C ASP A 27 -16.84 -13.95 -12.86
C ASP A 27 -16.76 -13.92 -12.84
N VAL A 28 -17.09 -12.68 -13.16
CA VAL A 28 -16.33 -12.00 -14.19
C VAL A 28 -14.85 -11.99 -13.84
N MET A 29 -14.54 -11.56 -12.62
CA MET A 29 -13.15 -11.36 -12.26
C MET A 29 -12.43 -12.72 -12.19
N ARG A 30 -13.13 -13.75 -11.70
CA ARG A 30 -12.53 -15.08 -11.69
C ARG A 30 -12.23 -15.50 -13.13
N SER A 31 -13.15 -15.21 -14.05
CA SER A 31 -12.93 -15.58 -15.46
C SER A 31 -11.67 -14.90 -16.01
N ILE A 32 -11.51 -13.62 -15.71
CA ILE A 32 -10.34 -12.89 -16.23
C ILE A 32 -9.04 -13.50 -15.69
N MET A 33 -9.07 -13.85 -14.41
CA MET A 33 -7.89 -14.36 -13.75
C MET A 33 -7.57 -15.79 -14.19
N GLN A 34 -8.56 -16.54 -14.71
CA GLN A 34 -8.31 -17.92 -15.18
C GLN A 34 -8.18 -18.01 -16.68
N GLY A 35 -7.85 -16.91 -17.34
CA GLY A 35 -7.88 -16.89 -18.79
C GLY A 35 -9.22 -17.20 -19.48
N ASN A 36 -10.35 -17.04 -18.79
CA ASN A 36 -11.67 -17.28 -19.42
C ASN A 36 -12.31 -16.03 -20.05
N ALA A 37 -11.52 -14.96 -20.23
CA ALA A 37 -12.02 -13.77 -20.92
C ALA A 37 -11.06 -13.39 -22.03
N THR A 38 -11.57 -12.83 -23.12
CA THR A 38 -10.70 -12.43 -24.25
C THR A 38 -10.06 -11.09 -23.94
N GLU A 39 -9.02 -10.74 -24.68
CA GLU A 39 -8.37 -9.47 -24.50
C GLU A 39 -9.30 -8.28 -24.75
N ALA A 40 -10.07 -8.36 -25.84
CA ALA A 40 -11.00 -7.29 -26.16
C ALA A 40 -12.01 -7.12 -25.02
N GLN A 41 -12.48 -8.23 -24.49
CA GLN A 41 -13.41 -8.23 -23.39
C GLN A 41 -12.79 -7.56 -22.20
N ILE A 42 -11.50 -7.83 -21.94
CA ILE A 42 -10.84 -7.26 -20.76
C ILE A 42 -10.68 -5.76 -20.95
N GLY A 43 -10.30 -5.35 -22.16
CA GLY A 43 -10.21 -3.92 -22.46
C GLY A 43 -11.55 -3.21 -22.27
N ALA A 44 -12.60 -3.88 -22.69
CA ALA A 44 -13.94 -3.32 -22.62
C ALA A 44 -14.42 -3.20 -21.18
N LEU A 45 -14.20 -4.25 -20.39
CA LEU A 45 -14.56 -4.27 -18.96
C LEU A 45 -13.84 -3.17 -18.19
N MET A 46 -12.55 -3.05 -18.45
CA MET A 46 -11.77 -1.96 -17.86
C MET A 46 -12.29 -0.57 -18.20
N MET A 47 -12.55 -0.35 -19.48
CA MET A 47 -13.04 0.93 -19.91
C MET A 47 -14.45 1.12 -19.40
N GLY A 48 -15.28 0.09 -19.46
CA GLY A 48 -16.68 0.28 -19.08
C GLY A 48 -16.83 0.60 -17.59
N LEU A 49 -16.16 -0.18 -16.76
CA LEU A 49 -16.19 0.06 -15.30
C LEU A 49 -15.61 1.42 -14.97
N ARG A 50 -14.56 1.83 -15.70
CA ARG A 50 -13.91 3.12 -15.44
C ARG A 50 -14.90 4.26 -15.71
N MET A 51 -15.65 4.15 -16.79
CA MET A 51 -16.53 5.25 -17.14
C MET A 51 -17.84 5.27 -16.38
N LYS A 52 -18.38 4.10 -16.10
CA LYS A 52 -19.52 4.00 -15.21
C LYS A 52 -19.21 4.52 -13.79
N GLY A 53 -18.02 4.20 -13.29
CA GLY A 53 -17.66 4.39 -11.90
C GLY A 53 -17.76 3.04 -11.21
N GLU A 54 -16.65 2.53 -10.68
CA GLU A 54 -16.68 1.25 -9.98
C GLU A 54 -17.39 1.45 -8.65
N SER A 55 -18.25 0.51 -8.27
CA SER A 55 -18.97 0.64 -7.01
C SER A 55 -18.22 -0.07 -5.88
N ILE A 56 -18.66 0.15 -4.64
CA ILE A 56 -18.03 -0.51 -3.51
C ILE A 56 -18.14 -2.01 -3.71
N ASP A 57 -19.35 -2.46 -4.02
CA ASP A 57 -19.59 -3.89 -4.21
C ASP A 57 -18.67 -4.50 -5.29
N GLU A 58 -18.51 -3.81 -6.42
CA GLU A 58 -17.65 -4.31 -7.49
C GLU A 58 -16.20 -4.39 -7.07
N ILE A 59 -15.70 -3.37 -6.38
CA ILE A 59 -14.30 -3.42 -6.00
C ILE A 59 -14.16 -4.50 -4.91
N THR A 60 -15.12 -4.58 -4.01
CA THR A 60 -15.03 -5.56 -2.89
C THR A 60 -14.91 -6.96 -3.47
N ALA A 61 -15.91 -7.35 -4.27
CA ALA A 61 -15.94 -8.67 -4.91
C ALA A 61 -14.67 -8.98 -5.65
N ALA A 62 -14.18 -8.00 -6.40
CA ALA A 62 -12.97 -8.21 -7.19
C ALA A 62 -11.70 -8.46 -6.35
N ALA A 63 -11.54 -7.67 -5.29
CA ALA A 63 -10.38 -7.85 -4.42
C ALA A 63 -10.51 -9.22 -3.74
N ARG A 64 -11.73 -9.54 -3.34
CA ARG A 64 -11.98 -10.81 -2.69
C ARG A 64 -11.49 -11.96 -3.54
N VAL A 65 -11.73 -11.87 -4.84
CA VAL A 65 -11.28 -12.88 -5.77
C VAL A 65 -9.78 -12.88 -5.91
N MET A 66 -9.18 -11.69 -5.89
CA MET A 66 -7.73 -11.57 -6.05
C MET A 66 -6.97 -12.21 -4.90
N ARG A 67 -7.48 -12.04 -3.70
CA ARG A 67 -6.77 -12.56 -2.54
C ARG A 67 -6.97 -14.06 -2.49
N GLU A 68 -8.14 -14.52 -2.94
CA GLU A 68 -8.43 -15.95 -3.09
C GLU A 68 -7.35 -16.67 -3.89
N LEU A 69 -6.71 -15.99 -4.84
CA LEU A 69 -5.72 -16.68 -5.66
C LEU A 69 -4.28 -16.24 -5.45
N ALA A 70 -4.02 -15.64 -4.31
CA ALA A 70 -2.68 -15.22 -3.94
C ALA A 70 -2.03 -16.30 -3.07
N ILE A 71 -0.71 -16.40 -3.07
CA ILE A 71 -0.10 -17.16 -1.99
C ILE A 71 -0.31 -16.35 -0.70
N LYS A 72 -0.55 -17.05 0.39
CA LYS A 72 -0.79 -16.39 1.66
C LYS A 72 0.04 -17.04 2.74
N ILE A 73 0.49 -16.24 3.70
CA ILE A 73 1.08 -16.79 4.92
C ILE A 73 0.34 -16.19 6.09
N ASP A 74 0.25 -16.92 7.21
CA ASP A 74 -0.58 -16.44 8.29
C ASP A 74 0.22 -15.89 9.45
N VAL A 75 0.15 -14.57 9.58
CA VAL A 75 0.80 -13.87 10.67
C VAL A 75 -0.21 -12.98 11.35
N SER A 76 -1.48 -13.29 11.15
CA SER A 76 -2.55 -12.50 11.75
C SER A 76 -2.61 -12.65 13.26
N ASP A 77 -1.89 -13.63 13.80
CA ASP A 77 -1.77 -13.77 15.25
C ASP A 77 -0.96 -12.61 15.86
N ILE A 78 -0.07 -12.01 15.07
CA ILE A 78 0.86 -11.00 15.58
C ILE A 78 0.16 -9.72 16.01
N GLN A 79 0.53 -9.23 17.18
CA GLN A 79 -0.03 -7.99 17.68
C GLN A 79 0.62 -6.77 16.95
N TYR A 80 -0.14 -5.70 16.82
CA TYR A 80 0.30 -4.48 16.12
C TYR A 80 0.78 -4.75 14.68
N LEU A 81 0.06 -5.58 13.96
CA LEU A 81 0.44 -5.94 12.60
C LEU A 81 -0.21 -4.98 11.62
N VAL A 82 0.57 -4.48 10.68
CA VAL A 82 0.08 -3.40 9.83
C VAL A 82 0.71 -3.51 8.45
N ASP A 83 0.07 -2.93 7.47
CA ASP A 83 0.65 -2.84 6.15
C ASP A 83 0.50 -1.40 5.66
N ILE A 84 1.45 -0.97 4.86
CA ILE A 84 1.36 0.31 4.19
C ILE A 84 1.38 0.06 2.67
N VAL A 85 0.37 0.52 1.97
CA VAL A 85 0.30 0.32 0.53
C VAL A 85 -0.18 1.55 -0.18
N GLY A 86 0.02 1.54 -1.50
CA GLY A 86 -0.41 2.65 -2.32
C GLY A 86 -0.70 2.19 -3.74
N THR A 87 -1.67 2.82 -4.36
CA THR A 87 -1.97 2.62 -5.77
C THR A 87 -0.90 3.26 -6.64
N GLY A 88 -0.07 4.10 -6.03
CA GLY A 88 0.78 5.02 -6.77
C GLY A 88 -0.03 6.29 -6.95
N GLY A 89 0.65 7.43 -7.02
CA GLY A 89 -0.06 8.69 -7.19
C GLY A 89 0.28 9.32 -8.50
N ASP A 90 0.28 10.65 -8.53
CA ASP A 90 0.98 11.36 -9.58
C ASP A 90 2.47 11.29 -9.21
N GLY A 91 3.23 10.49 -9.96
CA GLY A 91 4.65 10.32 -9.72
C GLY A 91 5.41 10.83 -10.93
N GLN A 92 6.51 11.59 -10.77
CA GLN A 92 6.98 12.21 -9.51
C GLN A 92 7.67 11.26 -8.55
N ASN A 93 8.99 11.25 -8.59
CA ASN A 93 9.80 10.24 -7.89
C ASN A 93 10.31 10.72 -6.54
N LEU A 94 9.46 10.62 -5.53
CA LEU A 94 9.89 10.85 -4.17
C LEU A 94 10.75 9.68 -3.76
N PHE A 95 11.69 9.92 -2.88
CA PHE A 95 12.40 8.81 -2.23
C PHE A 95 11.37 7.84 -1.61
N ASN A 96 11.82 6.63 -1.32
N ASN A 96 11.78 6.59 -1.40
CA ASN A 96 10.98 5.55 -0.88
CA ASN A 96 10.85 5.58 -0.90
C ASN A 96 10.54 5.74 0.60
C ASN A 96 10.56 5.77 0.58
N VAL A 97 9.56 6.58 0.85
CA VAL A 97 9.06 6.89 2.19
C VAL A 97 8.55 5.64 2.91
N SER A 98 7.76 4.83 2.20
CA SER A 98 7.13 3.67 2.81
C SER A 98 8.18 2.61 3.18
N THR A 99 9.28 2.57 2.44
CA THR A 99 10.34 1.63 2.81
C THR A 99 11.04 2.07 4.09
N ALA A 100 11.38 3.35 4.19
CA ALA A 100 11.91 3.88 5.43
C ALA A 100 10.92 3.71 6.60
N SER A 101 9.65 3.98 6.35
CA SER A 101 8.60 3.91 7.36
C SER A 101 8.55 2.50 7.94
N SER A 102 8.84 1.51 7.12
CA SER A 102 8.79 0.11 7.53
C SER A 102 9.72 -0.13 8.69
N PHE A 103 10.91 0.44 8.60
CA PHE A 103 11.94 0.26 9.62
C PHE A 103 11.59 0.99 10.88
N VAL A 104 10.92 2.12 10.72
CA VAL A 104 10.53 2.93 11.87
C VAL A 104 9.42 2.23 12.62
N ILE A 105 8.44 1.74 11.88
CA ILE A 105 7.33 0.96 12.44
C ILE A 105 7.83 -0.25 13.24
N ALA A 106 8.74 -1.01 12.64
CA ALA A 106 9.29 -2.18 13.30
C ALA A 106 10.11 -1.79 14.52
N ALA A 107 10.97 -0.78 14.41
CA ALA A 107 11.76 -0.33 15.52
C ALA A 107 10.87 0.17 16.67
N ALA A 108 9.69 0.72 16.37
CA ALA A 108 8.76 1.19 17.42
C ALA A 108 8.05 0.08 18.20
N GLY A 109 8.00 -1.12 17.63
CA GLY A 109 7.39 -2.27 18.30
C GLY A 109 6.22 -2.88 17.57
N ALA A 110 5.84 -2.31 16.43
CA ALA A 110 4.77 -2.91 15.65
C ALA A 110 5.41 -3.77 14.61
N THR A 111 4.58 -4.39 13.80
CA THR A 111 5.10 -5.37 12.86
C THR A 111 4.51 -5.04 11.55
N ILE A 112 5.34 -5.05 10.52
CA ILE A 112 4.80 -4.78 9.21
C ILE A 112 5.25 -5.82 8.22
N ALA A 113 4.28 -6.26 7.43
CA ALA A 113 4.51 -7.21 6.37
C ALA A 113 4.18 -6.38 5.14
N LYS A 114 5.22 -5.74 4.61
CA LYS A 114 5.07 -4.77 3.55
C LYS A 114 4.95 -5.55 2.24
N HIS A 115 3.77 -5.48 1.63
CA HIS A 115 3.54 -6.22 0.40
C HIS A 115 3.91 -5.31 -0.77
N GLY A 116 4.57 -5.88 -1.76
CA GLY A 116 5.14 -5.07 -2.79
C GLY A 116 5.29 -5.74 -4.13
N ASN A 117 6.44 -5.46 -4.73
CA ASN A 117 6.58 -5.30 -6.17
C ASN A 117 7.77 -6.07 -6.71
N SER A 126 10.75 -0.25 -3.36
CA SER A 126 11.72 -0.65 -4.36
C SER A 126 12.64 -1.75 -3.82
N SER A 127 13.01 -2.68 -4.69
CA SER A 127 13.80 -3.81 -4.28
C SER A 127 15.29 -3.51 -4.37
N ASP A 128 15.67 -2.71 -5.37
CA ASP A 128 17.08 -2.39 -5.59
C ASP A 128 17.63 -1.70 -4.37
N LEU A 129 16.82 -0.78 -3.88
CA LEU A 129 17.11 -0.04 -2.67
C LEU A 129 17.56 -0.94 -1.52
N LEU A 130 16.71 -1.90 -1.21
CA LEU A 130 16.97 -2.80 -0.10
C LEU A 130 18.25 -3.61 -0.37
N GLU A 131 18.39 -4.16 -1.58
CA GLU A 131 19.58 -4.94 -1.89
C GLU A 131 20.82 -4.05 -1.84
N GLN A 132 20.63 -2.81 -2.23
CA GLN A 132 21.69 -1.81 -2.17
C GLN A 132 22.12 -1.61 -0.73
N ALA A 133 21.19 -1.75 0.21
CA ALA A 133 21.51 -1.58 1.63
C ALA A 133 22.09 -2.86 2.26
N GLY A 134 22.42 -3.85 1.45
CA GLY A 134 23.02 -5.08 1.96
C GLY A 134 21.95 -6.09 2.37
N ILE A 135 20.71 -5.82 2.01
CA ILE A 135 19.61 -6.66 2.42
C ILE A 135 19.29 -7.66 1.34
N ASN A 136 19.36 -8.94 1.67
CA ASN A 136 19.12 -9.97 0.67
C ASN A 136 17.66 -10.36 0.60
N LEU A 137 17.07 -10.16 -0.57
CA LEU A 137 15.65 -10.41 -0.77
C LEU A 137 15.36 -11.73 -1.46
N ASP A 138 16.40 -12.54 -1.66
CA ASP A 138 16.23 -13.83 -2.32
C ASP A 138 15.65 -14.79 -1.30
N LEU A 139 14.42 -14.55 -0.87
CA LEU A 139 13.87 -15.26 0.27
C LEU A 139 12.64 -16.05 -0.08
N ASP A 140 12.63 -17.31 0.35
CA ASP A 140 11.43 -18.12 0.23
C ASP A 140 10.38 -17.55 1.17
N MET A 141 9.15 -18.03 1.04
CA MET A 141 8.05 -17.50 1.81
C MET A 141 8.17 -17.78 3.32
N GLN A 142 8.97 -18.76 3.69
CA GLN A 142 9.11 -19.09 5.11
C GLN A 142 10.21 -18.24 5.75
N GLN A 143 11.24 -17.91 4.97
CA GLN A 143 12.31 -17.05 5.46
C GLN A 143 11.75 -15.64 5.65
N THR A 144 10.75 -15.30 4.84
CA THR A 144 10.11 -14.00 4.89
C THR A 144 9.27 -13.91 6.16
N GLU A 145 8.55 -14.97 6.48
CA GLU A 145 7.76 -14.98 7.69
C GLU A 145 8.69 -14.85 8.89
N ARG A 146 9.87 -15.47 8.82
CA ARG A 146 10.86 -15.32 9.86
C ARG A 146 11.27 -13.85 10.09
N CYS A 147 11.47 -13.11 9.01
CA CYS A 147 11.73 -11.65 9.08
C CYS A 147 10.64 -10.91 9.85
N ILE A 148 9.41 -11.16 9.47
CA ILE A 148 8.26 -10.50 10.06
C ILE A 148 8.17 -10.80 11.56
N ARG A 149 8.24 -12.09 11.91
CA ARG A 149 8.09 -12.48 13.30
C ARG A 149 9.28 -12.08 14.18
N GLU A 150 10.49 -12.19 13.66
CA GLU A 150 11.69 -12.02 14.51
C GLU A 150 12.31 -10.63 14.44
N MET A 151 12.03 -9.91 13.37
CA MET A 151 12.60 -8.58 13.18
C MET A 151 11.52 -7.50 13.24
N GLY A 152 10.25 -7.90 13.05
CA GLY A 152 9.16 -6.94 13.04
C GLY A 152 8.94 -6.35 11.64
N VAL A 153 9.77 -6.75 10.68
CA VAL A 153 9.61 -6.27 9.30
C VAL A 153 10.04 -7.31 8.26
N GLY A 154 9.21 -7.53 7.27
CA GLY A 154 9.55 -8.44 6.17
C GLY A 154 9.00 -7.91 4.86
N PHE A 155 9.68 -8.22 3.77
CA PHE A 155 9.30 -7.68 2.48
C PHE A 155 8.71 -8.78 1.59
N LEU A 156 7.42 -8.66 1.32
CA LEU A 156 6.71 -9.64 0.54
C LEU A 156 6.76 -9.29 -0.94
N PHE A 157 7.80 -9.78 -1.59
CA PHE A 157 7.89 -9.79 -3.03
C PHE A 157 7.46 -11.21 -3.42
N ALA A 158 6.75 -11.37 -4.55
CA ALA A 158 6.54 -10.32 -5.53
C ALA A 158 5.39 -10.78 -6.41
N PRO A 159 4.12 -10.42 -6.05
CA PRO A 159 3.66 -9.82 -4.78
C PRO A 159 3.80 -10.76 -3.57
N LYS A 163 1.83 -10.61 -10.43
CA LYS A 163 1.39 -11.96 -10.09
C LYS A 163 1.37 -12.85 -11.36
N ALA A 164 0.74 -14.02 -11.23
CA ALA A 164 -0.08 -14.58 -12.31
C ALA A 164 -1.35 -13.73 -12.45
N MET A 165 -1.15 -12.42 -12.56
CA MET A 165 -2.14 -11.43 -12.97
C MET A 165 -1.78 -11.15 -14.42
N LYS A 166 -1.07 -12.13 -14.98
CA LYS A 166 -0.50 -12.05 -16.31
C LYS A 166 -1.53 -11.60 -17.33
N TYR A 167 -2.79 -11.96 -17.11
CA TYR A 167 -3.84 -11.70 -18.09
C TYR A 167 -4.24 -10.22 -18.17
N ALA A 168 -3.94 -9.45 -17.14
CA ALA A 168 -4.32 -8.04 -17.10
C ALA A 168 -3.16 -7.19 -17.60
N VAL A 169 -1.97 -7.73 -17.50
CA VAL A 169 -0.75 -6.97 -17.79
C VAL A 169 -0.73 -6.32 -19.16
N GLY A 170 -1.03 -7.08 -20.20
CA GLY A 170 -0.95 -6.53 -21.54
C GLY A 170 -2.03 -5.50 -21.78
N PRO A 171 -3.27 -5.89 -21.55
CA PRO A 171 -4.38 -4.94 -21.69
C PRO A 171 -4.12 -3.62 -20.93
N ARG A 172 -3.62 -3.73 -19.70
CA ARG A 172 -3.30 -2.55 -18.93
C ARG A 172 -2.25 -1.66 -19.59
N ARG A 173 -1.11 -2.16 -20.05
CA ARG A 173 -0.16 -1.25 -20.69
CA ARG A 173 -0.15 -1.26 -20.70
C ARG A 173 -0.70 -0.77 -22.04
N GLU A 174 -1.46 -1.61 -22.73
CA GLU A 174 -2.04 -1.22 -24.03
C GLU A 174 -3.08 -0.08 -23.91
N LEU A 175 -3.97 -0.15 -22.92
CA LEU A 175 -4.95 0.92 -22.71
C LEU A 175 -4.30 2.17 -22.17
N GLY A 176 -3.36 1.99 -21.26
CA GLY A 176 -2.70 3.13 -20.68
C GLY A 176 -3.57 3.96 -19.76
N ILE A 177 -4.76 3.48 -19.41
CA ILE A 177 -5.61 4.26 -18.49
C ILE A 177 -5.48 3.69 -17.07
N ARG A 178 -5.77 4.49 -16.05
CA ARG A 178 -6.03 3.93 -14.73
C ARG A 178 -7.34 3.19 -14.84
N SER A 179 -7.36 2.03 -14.22
CA SER A 179 -8.52 1.19 -14.21
C SER A 179 -8.73 0.55 -12.85
N ILE A 180 -9.76 -0.29 -12.78
CA ILE A 180 -10.02 -1.02 -11.57
C ILE A 180 -8.78 -1.80 -11.08
N PHE A 181 -7.92 -2.23 -11.99
CA PHE A 181 -6.75 -3.01 -11.63
C PHE A 181 -5.73 -2.24 -10.78
N ASN A 182 -5.62 -0.92 -10.97
CA ASN A 182 -4.72 -0.10 -10.16
C ASN A 182 -5.11 -0.13 -8.67
N LEU A 183 -6.34 -0.51 -8.38
CA LEU A 183 -6.89 -0.48 -7.06
C LEU A 183 -6.71 -1.82 -6.39
N LEU A 184 -6.80 -2.89 -7.16
CA LEU A 184 -6.86 -4.22 -6.57
C LEU A 184 -5.51 -4.69 -6.08
N GLY A 185 -4.43 -4.15 -6.66
CA GLY A 185 -3.09 -4.57 -6.28
C GLY A 185 -2.78 -4.42 -4.80
N PRO A 186 -2.96 -3.21 -4.27
CA PRO A 186 -2.77 -2.92 -2.84
C PRO A 186 -3.77 -3.58 -1.91
N LEU A 187 -4.89 -4.12 -2.41
CA LEU A 187 -5.96 -4.57 -1.53
C LEU A 187 -5.88 -6.07 -1.23
N THR A 188 -4.87 -6.72 -1.75
CA THR A 188 -4.76 -8.16 -1.61
C THR A 188 -3.61 -8.58 -0.70
N ASN A 189 -3.74 -8.27 0.59
N ASN A 189 -3.64 -8.18 0.57
CA ASN A 189 -2.77 -8.65 1.61
CA ASN A 189 -2.50 -8.51 1.44
C ASN A 189 -2.52 -10.15 1.74
C ASN A 189 -2.45 -10.00 1.70
N PRO A 190 -1.36 -10.63 1.27
CA PRO A 190 -1.15 -12.06 1.43
C PRO A 190 -0.95 -12.46 2.90
N ALA A 191 -0.61 -11.51 3.77
CA ALA A 191 -0.28 -11.84 5.16
C ALA A 191 -1.50 -11.83 6.10
N GLY A 192 -2.68 -11.51 5.57
CA GLY A 192 -3.90 -11.52 6.36
C GLY A 192 -3.95 -10.35 7.33
N VAL A 193 -3.34 -9.24 6.94
CA VAL A 193 -3.27 -8.02 7.75
C VAL A 193 -4.64 -7.35 7.78
N LYS A 194 -4.95 -6.69 8.89
CA LYS A 194 -6.27 -6.13 9.12
C LYS A 194 -6.21 -4.64 9.38
N ARG A 195 -5.00 -4.09 9.43
CA ARG A 195 -4.83 -2.69 9.71
C ARG A 195 -3.91 -2.09 8.68
N PHE A 196 -4.35 -1.01 8.03
CA PHE A 196 -3.68 -0.51 6.83
C PHE A 196 -3.61 1.00 6.74
N VAL A 197 -2.53 1.50 6.17
CA VAL A 197 -2.50 2.84 5.61
C VAL A 197 -2.47 2.60 4.09
N ILE A 198 -3.46 3.14 3.36
CA ILE A 198 -3.57 2.92 1.92
C ILE A 198 -3.59 4.24 1.22
N GLY A 199 -2.58 4.47 0.37
CA GLY A 199 -2.57 5.64 -0.47
C GLY A 199 -3.38 5.43 -1.75
N VAL A 200 -4.17 6.43 -2.15
CA VAL A 200 -4.94 6.38 -3.40
C VAL A 200 -4.65 7.64 -4.27
N PHE A 201 -5.01 7.63 -5.54
CA PHE A 201 -4.64 8.77 -6.41
C PHE A 201 -5.63 9.93 -6.47
N SER A 202 -6.74 9.85 -5.78
CA SER A 202 -7.65 10.97 -5.72
C SER A 202 -8.38 11.04 -4.39
N ASP A 203 -8.81 12.24 -4.02
CA ASP A 203 -9.61 12.43 -2.82
C ASP A 203 -10.85 11.57 -2.87
N GLU A 204 -11.39 11.38 -4.08
CA GLU A 204 -12.72 10.79 -4.22
C GLU A 204 -12.64 9.30 -3.97
N LEU A 205 -11.44 8.74 -4.11
CA LEU A 205 -11.25 7.32 -3.88
C LEU A 205 -11.16 6.98 -2.39
N CYS A 206 -10.91 7.98 -1.55
CA CYS A 206 -10.58 7.69 -0.13
C CYS A 206 -11.75 7.02 0.59
N ARG A 207 -12.92 7.63 0.55
CA ARG A 207 -14.05 7.03 1.25
C ARG A 207 -14.47 5.68 0.68
N PRO A 208 -14.57 5.56 -0.66
CA PRO A 208 -15.01 4.25 -1.12
C PRO A 208 -14.02 3.14 -0.80
N ILE A 209 -12.72 3.40 -0.90
CA ILE A 209 -11.75 2.36 -0.50
C ILE A 209 -11.82 2.01 1.01
N ALA A 210 -12.09 3.01 1.83
CA ALA A 210 -12.30 2.76 3.26
C ALA A 210 -13.49 1.81 3.41
N GLU A 211 -14.56 2.05 2.64
CA GLU A 211 -15.77 1.23 2.67
C GLU A 211 -15.55 -0.17 2.13
N VAL A 212 -14.68 -0.26 1.13
CA VAL A 212 -14.28 -1.54 0.63
C VAL A 212 -13.56 -2.32 1.73
N MET A 213 -12.60 -1.69 2.39
CA MET A 213 -11.87 -2.44 3.45
C MET A 213 -12.82 -2.88 4.59
N LYS A 214 -13.83 -2.08 4.92
CA LYS A 214 -14.86 -2.48 5.91
C LYS A 214 -15.49 -3.79 5.45
N GLN A 215 -15.97 -3.83 4.20
CA GLN A 215 -16.63 -5.03 3.72
C GLN A 215 -15.65 -6.16 3.64
N LEU A 216 -14.38 -5.85 3.48
CA LEU A 216 -13.37 -6.92 3.44
C LEU A 216 -12.93 -7.38 4.86
N GLY A 217 -13.50 -6.77 5.88
CA GLY A 217 -13.25 -7.18 7.26
C GLY A 217 -12.07 -6.52 7.92
N ALA A 218 -11.62 -5.37 7.42
CA ALA A 218 -10.47 -4.69 8.02
C ALA A 218 -10.92 -4.06 9.36
N GLU A 219 -9.97 -3.82 10.24
CA GLU A 219 -10.27 -3.30 11.59
C GLU A 219 -10.04 -1.80 11.67
N HIS A 220 -8.89 -1.37 11.14
CA HIS A 220 -8.50 0.02 11.19
C HIS A 220 -7.73 0.40 9.94
N VAL A 221 -8.17 1.45 9.25
CA VAL A 221 -7.58 1.80 7.98
C VAL A 221 -7.57 3.31 7.86
N MET A 222 -6.47 3.89 7.39
CA MET A 222 -6.46 5.26 6.92
C MET A 222 -6.18 5.23 5.40
N VAL A 223 -7.10 5.80 4.62
CA VAL A 223 -6.96 5.89 3.20
C VAL A 223 -6.65 7.34 2.88
N VAL A 224 -5.48 7.57 2.29
CA VAL A 224 -4.95 8.93 2.18
C VAL A 224 -4.63 9.37 0.74
N HIS A 225 -4.93 10.63 0.44
CA HIS A 225 -4.49 11.27 -0.79
C HIS A 225 -4.15 12.72 -0.52
N SER A 226 -2.93 13.13 -0.86
CA SER A 226 -2.52 14.50 -0.55
C SER A 226 -2.84 15.45 -1.69
N LYS A 227 -3.04 16.71 -1.32
CA LYS A 227 -3.45 17.74 -2.25
C LYS A 227 -2.43 17.90 -3.36
N ASP A 228 -1.16 17.62 -3.08
CA ASP A 228 -0.16 17.80 -4.10
C ASP A 228 0.05 16.54 -4.94
N GLY A 229 -0.89 15.60 -4.89
CA GLY A 229 -0.89 14.45 -5.79
C GLY A 229 -0.13 13.21 -5.35
N LEU A 230 0.05 13.00 -4.05
CA LEU A 230 0.78 11.82 -3.58
C LEU A 230 -0.20 10.86 -3.03
N ASP A 231 0.12 9.57 -3.15
CA ASP A 231 -0.65 8.54 -2.49
C ASP A 231 0.00 8.26 -1.13
N GLU A 232 0.42 9.33 -0.47
CA GLU A 232 0.91 9.22 0.90
C GLU A 232 0.64 10.55 1.57
N ILE A 233 1.04 10.71 2.83
CA ILE A 233 0.83 11.99 3.52
C ILE A 233 1.96 12.93 3.12
N SER A 234 1.62 14.11 2.66
CA SER A 234 2.63 15.01 2.16
C SER A 234 3.16 15.89 3.28
N LEU A 235 4.43 16.21 3.18
CA LEU A 235 4.99 17.22 4.05
C LEU A 235 4.65 18.61 3.51
N ALA A 236 4.29 18.70 2.22
CA ALA A 236 4.22 20.02 1.57
C ALA A 236 2.84 20.61 1.52
N SER A 237 1.83 19.77 1.74
CA SER A 237 0.46 20.22 1.58
C SER A 237 -0.43 19.42 2.51
N GLN A 238 -1.72 19.72 2.43
CA GLN A 238 -2.73 19.00 3.15
C GLN A 238 -2.96 17.60 2.59
N THR A 239 -3.39 16.67 3.46
CA THR A 239 -3.75 15.30 3.02
C THR A 239 -5.17 15.00 3.42
N TYR A 240 -5.95 14.50 2.46
CA TYR A 240 -7.33 14.09 2.70
C TYR A 240 -7.32 12.67 3.29
N ILE A 241 -8.18 12.40 4.27
CA ILE A 241 -8.20 11.07 4.89
C ILE A 241 -9.60 10.47 4.96
N ALA A 242 -9.76 9.23 4.61
CA ALA A 242 -10.94 8.54 5.07
C ALA A 242 -10.44 7.47 6.03
N GLU A 243 -11.05 7.41 7.19
CA GLU A 243 -10.62 6.50 8.23
C GLU A 243 -11.72 5.52 8.60
N LEU A 244 -11.42 4.24 8.56
CA LEU A 244 -12.32 3.23 9.08
C LEU A 244 -11.82 2.89 10.47
N LYS A 245 -12.70 2.99 11.46
CA LYS A 245 -12.33 2.60 12.83
C LYS A 245 -13.56 2.22 13.60
N ASN A 246 -13.53 1.08 14.30
CA ASN A 246 -14.68 0.61 15.07
C ASN A 246 -15.93 0.44 14.19
N GLY A 247 -15.76 -0.04 12.96
CA GLY A 247 -16.89 -0.14 12.05
C GLY A 247 -17.44 1.18 11.53
N GLU A 248 -16.84 2.29 11.93
CA GLU A 248 -17.32 3.56 11.42
C GLU A 248 -16.28 4.16 10.49
N VAL A 249 -16.75 4.81 9.43
CA VAL A 249 -15.87 5.49 8.50
C VAL A 249 -16.14 6.97 8.60
N THR A 250 -15.06 7.76 8.66
CA THR A 250 -15.15 9.20 8.80
C THR A 250 -14.19 9.79 7.81
N GLU A 251 -14.31 11.07 7.52
CA GLU A 251 -13.41 11.71 6.58
C GLU A 251 -12.90 12.97 7.22
N TRP A 252 -11.60 13.19 7.14
CA TRP A 252 -10.99 14.38 7.69
C TRP A 252 -9.76 14.78 6.96
N VAL A 253 -9.24 15.94 7.32
CA VAL A 253 -8.17 16.53 6.57
C VAL A 253 -7.04 16.79 7.53
N LEU A 254 -5.83 16.64 7.05
CA LEU A 254 -4.66 16.70 7.90
C LEU A 254 -3.63 17.67 7.31
N ASN A 255 -3.07 18.50 8.17
CA ASN A 255 -1.93 19.31 7.77
C ASN A 255 -0.85 18.90 8.76
N PRO A 256 0.41 18.95 8.34
CA PRO A 256 1.51 18.56 9.22
C PRO A 256 1.44 19.33 10.53
N GLU A 257 0.96 20.57 10.46
CA GLU A 257 1.03 21.42 11.65
C GLU A 257 0.14 20.87 12.76
N ASP A 258 -0.84 20.06 12.40
CA ASP A 258 -1.76 19.46 13.37
C ASP A 258 -1.03 18.53 14.32
N VAL A 259 0.15 18.07 13.93
CA VAL A 259 0.95 17.16 14.73
C VAL A 259 2.32 17.76 14.92
N ASN A 260 2.36 19.09 14.94
CA ASN A 260 3.56 19.84 15.34
C ASN A 260 4.72 19.65 14.44
N ILE A 261 4.46 19.46 13.16
CA ILE A 261 5.52 19.38 12.17
C ILE A 261 5.26 20.46 11.15
N PRO A 262 6.26 21.32 10.89
CA PRO A 262 6.06 22.43 9.94
C PRO A 262 6.04 21.93 8.52
N SER A 263 5.01 22.30 7.76
CA SER A 263 5.01 21.97 6.35
C SER A 263 6.18 22.64 5.65
N GLN A 264 6.74 21.89 4.71
CA GLN A 264 7.90 22.29 3.96
C GLN A 264 7.64 21.85 2.54
N THR A 265 8.38 22.40 1.58
CA THR A 265 8.29 21.96 0.20
C THR A 265 9.00 20.61 0.05
N LEU A 266 8.63 19.87 -0.98
CA LEU A 266 9.28 18.62 -1.26
C LEU A 266 10.66 18.77 -1.90
N SER A 267 11.18 19.99 -1.93
CA SER A 267 12.50 20.18 -2.48
C SER A 267 13.58 19.40 -1.75
N GLY A 268 14.32 18.60 -2.52
CA GLY A 268 15.39 17.76 -2.01
C GLY A 268 14.92 16.33 -1.79
N LEU A 269 13.61 16.11 -1.83
CA LEU A 269 13.05 14.78 -1.57
C LEU A 269 12.84 13.94 -2.84
N ILE A 270 12.95 14.59 -3.99
CA ILE A 270 12.86 13.88 -5.27
C ILE A 270 14.24 13.34 -5.56
N VAL A 271 14.31 12.08 -5.96
CA VAL A 271 15.62 11.45 -6.12
C VAL A 271 15.71 10.89 -7.53
N GLU A 272 16.93 10.74 -8.02
CA GLU A 272 17.14 10.28 -9.39
C GLU A 272 17.26 8.78 -9.45
N ASP A 273 17.79 8.17 -8.40
CA ASP A 273 17.92 6.72 -8.39
C ASP A 273 17.92 6.09 -7.00
N SER A 274 17.88 4.76 -7.00
CA SER A 274 17.97 3.97 -5.80
C SER A 274 19.13 4.40 -4.90
N ASN A 275 20.28 4.70 -5.48
CA ASN A 275 21.44 4.96 -4.63
C ASN A 275 21.25 6.25 -3.86
N ALA A 276 20.66 7.24 -4.51
CA ALA A 276 20.37 8.52 -3.85
C ALA A 276 19.26 8.34 -2.82
N SER A 277 18.24 7.56 -3.16
CA SER A 277 17.15 7.25 -2.26
C SER A 277 17.69 6.63 -0.98
N LEU A 278 18.54 5.61 -1.13
CA LEU A 278 19.14 4.94 0.00
C LEU A 278 19.99 5.91 0.82
N LYS A 279 20.80 6.71 0.13
CA LYS A 279 21.64 7.70 0.80
C LYS A 279 20.79 8.65 1.67
N LEU A 280 19.67 9.10 1.10
CA LEU A 280 18.81 10.06 1.77
C LEU A 280 18.08 9.42 2.96
N ILE A 281 17.68 8.18 2.79
CA ILE A 281 17.06 7.42 3.85
C ILE A 281 17.99 7.27 5.06
N LYS A 282 19.21 6.86 4.78
CA LYS A 282 20.19 6.70 5.84
C LYS A 282 20.43 8.00 6.59
N ASP A 283 20.62 9.09 5.84
CA ASP A 283 20.69 10.42 6.46
C ASP A 283 19.44 10.69 7.33
N ALA A 284 18.25 10.55 6.74
CA ALA A 284 16.99 10.87 7.44
C ALA A 284 16.75 10.00 8.70
N LEU A 285 17.26 8.78 8.73
CA LEU A 285 17.03 7.89 9.86
C LEU A 285 18.19 7.90 10.87
N GLY A 286 19.24 8.63 10.54
CA GLY A 286 20.49 8.63 11.30
C GLY A 286 20.50 9.64 12.43
N ARG A 287 21.47 9.52 13.33
CA ARG A 287 21.49 10.40 14.50
C ARG A 287 21.89 11.84 14.18
N LYS A 288 22.74 12.02 13.18
CA LYS A 288 23.16 13.37 12.79
C LYS A 288 22.70 13.72 11.37
N LYS A 289 21.56 14.40 11.30
CA LYS A 289 20.87 14.60 10.04
C LYS A 289 21.24 15.92 9.38
N SER A 290 21.39 15.89 8.06
CA SER A 290 21.56 17.13 7.30
C SER A 290 20.26 17.94 7.29
N ASP A 291 20.25 19.07 6.60
CA ASP A 291 19.03 19.87 6.56
C ASP A 291 17.97 19.14 5.72
N ILE A 292 18.40 18.44 4.69
CA ILE A 292 17.46 17.67 3.87
C ILE A 292 17.04 16.39 4.59
N GLY A 293 17.99 15.82 5.31
CA GLY A 293 17.68 14.65 6.13
C GLY A 293 16.56 14.98 7.10
N GLU A 294 16.58 16.17 7.68
CA GLU A 294 15.57 16.53 8.68
C GLU A 294 14.21 16.62 7.98
N LYS A 295 14.21 17.16 6.78
CA LYS A 295 12.93 17.28 6.07
C LYS A 295 12.35 15.91 5.72
N ALA A 296 13.21 15.05 5.16
CA ALA A 296 12.82 13.70 4.81
C ALA A 296 12.36 12.92 6.08
N ALA A 297 13.02 13.17 7.20
CA ALA A 297 12.68 12.54 8.49
C ALA A 297 11.29 12.92 8.93
N ASN A 298 10.95 14.20 8.74
CA ASN A 298 9.64 14.71 9.08
C ASN A 298 8.55 14.14 8.22
N MET A 299 8.80 14.07 6.91
CA MET A 299 7.89 13.36 6.03
C MET A 299 7.71 11.87 6.41
N ILE A 300 8.80 11.20 6.77
CA ILE A 300 8.70 9.81 7.28
C ILE A 300 7.87 9.72 8.57
N ALA A 301 8.00 10.73 9.42
CA ALA A 301 7.30 10.73 10.69
C ALA A 301 5.82 10.79 10.48
N LEU A 302 5.41 11.59 9.51
CA LEU A 302 4.02 11.70 9.21
C LEU A 302 3.45 10.37 8.76
N ASN A 303 4.17 9.66 7.89
CA ASN A 303 3.65 8.42 7.33
C ASN A 303 3.88 7.21 8.24
N ALA A 304 5.06 7.10 8.84
CA ALA A 304 5.26 5.99 9.79
C ALA A 304 4.33 6.19 10.98
N GLY A 305 4.10 7.43 11.38
CA GLY A 305 3.17 7.70 12.46
C GLY A 305 1.79 7.16 12.15
N ALA A 306 1.36 7.23 10.89
CA ALA A 306 0.05 6.70 10.54
C ALA A 306 0.04 5.20 10.68
N GLY A 307 1.12 4.56 10.29
CA GLY A 307 1.30 3.14 10.55
C GLY A 307 1.30 2.71 12.02
N ILE A 308 2.00 3.44 12.86
CA ILE A 308 2.08 3.08 14.28
C ILE A 308 0.70 3.18 14.90
N TYR A 309 -0.02 4.23 14.52
CA TYR A 309 -1.37 4.41 14.95
C TYR A 309 -2.33 3.32 14.50
N VAL A 310 -2.49 3.07 13.18
CA VAL A 310 -3.49 2.09 12.78
C VAL A 310 -3.07 0.68 13.25
N SER A 311 -1.79 0.49 13.53
CA SER A 311 -1.34 -0.77 14.09
C SER A 311 -1.98 -1.07 15.46
N GLY A 312 -2.39 -0.04 16.20
CA GLY A 312 -2.93 -0.23 17.55
C GLY A 312 -1.88 0.10 18.61
N LEU A 313 -0.63 0.26 18.19
CA LEU A 313 0.44 0.55 19.11
C LEU A 313 0.32 1.97 19.69
N ALA A 314 -0.15 2.89 18.89
CA ALA A 314 -0.48 4.20 19.44
C ALA A 314 -1.99 4.36 19.33
N THR A 315 -2.56 5.18 20.22
CA THR A 315 -3.99 5.28 20.38
C THR A 315 -4.53 6.53 19.68
N SER A 316 -3.66 7.36 19.11
CA SER A 316 -4.11 8.42 18.23
C SER A 316 -3.07 8.66 17.11
N TYR A 317 -3.47 9.32 16.04
CA TYR A 317 -2.54 9.65 14.96
C TYR A 317 -1.41 10.50 15.52
N LYS A 318 -1.76 11.47 16.35
CA LYS A 318 -0.75 12.36 16.93
C LYS A 318 0.30 11.59 17.74
N GLN A 319 -0.14 10.66 18.57
CA GLN A 319 0.77 9.91 19.43
C GLN A 319 1.68 9.05 18.52
N GLY A 320 1.10 8.52 17.47
CA GLY A 320 1.83 7.71 16.51
C GLY A 320 2.94 8.50 15.90
N VAL A 321 2.64 9.74 15.53
CA VAL A 321 3.66 10.56 14.92
C VAL A 321 4.78 10.90 15.90
N ALA A 322 4.41 11.20 17.14
CA ALA A 322 5.40 11.47 18.21
C ALA A 322 6.32 10.26 18.42
N LEU A 323 5.74 9.07 18.50
CA LEU A 323 6.57 7.86 18.64
C LEU A 323 7.45 7.66 17.41
N ALA A 324 6.88 7.86 16.23
CA ALA A 324 7.69 7.70 15.02
C ALA A 324 8.86 8.66 15.08
N HIS A 325 8.54 9.90 15.42
CA HIS A 325 9.56 10.93 15.46
C HIS A 325 10.69 10.57 16.45
N ASP A 326 10.37 10.04 17.62
CA ASP A 326 11.39 9.57 18.56
C ASP A 326 12.33 8.54 17.96
N ILE A 327 11.76 7.52 17.33
CA ILE A 327 12.55 6.52 16.64
C ILE A 327 13.44 7.14 15.51
N ILE A 328 12.87 8.03 14.72
CA ILE A 328 13.59 8.56 13.57
C ILE A 328 14.80 9.38 14.01
N TYR A 329 14.61 10.24 15.01
CA TYR A 329 15.69 11.09 15.52
C TYR A 329 16.59 10.37 16.51
N GLY A 330 16.10 9.28 17.09
CA GLY A 330 16.90 8.46 17.98
C GLY A 330 17.80 7.47 17.25
N GLY A 331 17.56 7.28 15.95
CA GLY A 331 18.44 6.39 15.18
C GLY A 331 18.11 4.91 15.16
N GLN A 332 17.14 4.45 15.96
CA GLN A 332 16.85 3.03 16.04
C GLN A 332 16.34 2.38 14.76
N ALA A 333 15.67 3.13 13.92
CA ALA A 333 15.17 2.61 12.65
C ALA A 333 16.34 2.27 11.71
N LEU A 334 17.38 3.11 11.71
CA LEU A 334 18.60 2.82 10.94
C LEU A 334 19.26 1.55 11.46
N GLU A 335 19.26 1.37 12.77
CA GLU A 335 19.86 0.17 13.31
C GLU A 335 19.03 -1.04 12.94
N LYS A 336 17.71 -0.90 12.87
CA LYS A 336 16.85 -2.01 12.44
C LYS A 336 17.18 -2.42 10.99
N MET A 337 17.47 -1.46 10.11
CA MET A 337 17.94 -1.77 8.76
C MET A 337 19.20 -2.65 8.81
N SER A 338 20.17 -2.27 9.63
CA SER A 338 21.46 -2.97 9.70
C SER A 338 21.23 -4.37 10.20
N ILE A 339 20.34 -4.51 11.16
CA ILE A 339 20.06 -5.80 11.72
C ILE A 339 19.32 -6.68 10.74
N LEU A 340 18.33 -6.12 10.03
CA LEU A 340 17.58 -6.89 9.03
C LEU A 340 18.55 -7.41 7.96
N SER A 341 19.51 -6.57 7.59
CA SER A 341 20.52 -6.96 6.64
C SER A 341 21.29 -8.17 7.15
N GLU A 342 21.80 -8.12 8.38
CA GLU A 342 22.59 -9.25 8.87
C GLU A 342 21.71 -10.50 8.84
N PHE A 343 20.48 -10.36 9.31
CA PHE A 343 19.59 -11.51 9.45
C PHE A 343 19.38 -12.20 8.10
N THR A 344 19.11 -11.42 7.08
CA THR A 344 18.79 -12.03 5.79
C THR A 344 20.05 -12.59 5.13
N LYS A 345 21.21 -12.02 5.45
CA LYS A 345 22.48 -12.54 4.97
C LYS A 345 22.73 -13.89 5.64
N ALA A 346 22.35 -14.01 6.91
CA ALA A 346 22.45 -15.27 7.63
C ALA A 346 21.47 -16.28 7.04
N LEU A 347 20.29 -15.80 6.65
CA LEU A 347 19.27 -16.68 6.12
C LEU A 347 19.74 -17.33 4.83
N LYS A 348 20.85 -16.85 4.29
CA LYS A 348 21.38 -17.39 3.05
C LYS A 348 22.67 -18.19 3.25
N GLU A 349 23.49 -17.76 4.22
CA GLU A 349 24.50 -18.62 4.88
C GLU A 349 25.83 -17.90 5.15
#